data_1X94
#
_entry.id   1X94
#
_cell.length_a   134.279
_cell.length_b   46.112
_cell.length_c   60.350
_cell.angle_alpha   90.00
_cell.angle_beta   90.00
_cell.angle_gamma   90.00
#
_symmetry.space_group_name_H-M   'P 21 21 2'
#
loop_
_entity.id
_entity.type
_entity.pdbx_description
1 polymer 'putative Phosphoheptose isomerase'
2 water water
#
_entity_poly.entity_id   1
_entity_poly.type   'polypeptide(L)'
_entity_poly.pdbx_seq_one_letter_code
;MYQDLIRSELTEAADVLQKFLSDDHNIAQIEAAAKLIADSFKQGGKVLSCGNGGSHCDAMHFAEELTGRYRENRPGYPGI
AISDPSHLSCVSNDFGYDYVFSRYVEAVGAKGDVLFGLSTSGNSGNILKAIEAAKAKGMKTIALTGKDGGKMAGLADVEI
RVPHFGYADRIQEVHIKIIHIIIQLIEKEMA
;
_entity_poly.pdbx_strand_id   A,B
#
# COMPACT_ATOMS: atom_id res chain seq x y z
N MET A 1 -12.34 -7.72 24.43
CA MET A 1 -11.11 -7.13 25.03
C MET A 1 -10.71 -5.83 24.36
N TYR A 2 -9.81 -5.96 23.39
CA TYR A 2 -9.26 -4.85 22.62
C TYR A 2 -8.53 -5.51 21.44
N GLN A 3 -8.12 -6.75 21.69
CA GLN A 3 -7.44 -7.56 20.68
C GLN A 3 -8.51 -8.16 19.78
N ASP A 4 -9.68 -8.39 20.37
CA ASP A 4 -10.80 -8.95 19.62
C ASP A 4 -11.18 -7.96 18.54
N LEU A 5 -10.84 -6.69 18.78
CA LEU A 5 -11.12 -5.63 17.81
C LEU A 5 -10.10 -5.74 16.69
N ILE A 6 -8.85 -6.03 17.07
CA ILE A 6 -7.78 -6.20 16.09
C ILE A 6 -8.14 -7.37 15.18
N ARG A 7 -8.58 -8.47 15.77
CA ARG A 7 -8.95 -9.64 15.00
C ARG A 7 -10.16 -9.41 14.12
N SER A 8 -11.08 -8.57 14.58
CA SER A 8 -12.29 -8.27 13.80
C SER A 8 -11.97 -7.49 12.53
N GLU A 9 -10.95 -6.64 12.58
CA GLU A 9 -10.55 -5.89 11.39
C GLU A 9 -9.94 -6.89 10.40
N LEU A 10 -9.04 -7.73 10.90
CA LEU A 10 -8.39 -8.73 10.06
C LEU A 10 -9.40 -9.66 9.41
N THR A 11 -10.31 -10.25 10.21
CA THR A 11 -11.29 -11.16 9.63
C THR A 11 -12.21 -10.38 8.69
N GLU A 12 -12.42 -9.11 8.97
CA GLU A 12 -13.25 -8.30 8.07
C GLU A 12 -12.56 -8.22 6.71
N ALA A 13 -11.23 -8.12 6.72
CA ALA A 13 -10.46 -8.05 5.48
C ALA A 13 -10.53 -9.43 4.81
N ALA A 14 -10.56 -10.47 5.63
CA ALA A 14 -10.65 -11.84 5.11
C ALA A 14 -11.97 -12.00 4.33
N ASP A 15 -13.06 -11.46 4.89
CA ASP A 15 -14.38 -11.53 4.26
C ASP A 15 -14.41 -10.75 2.95
N VAL A 16 -13.96 -9.50 2.99
CA VAL A 16 -13.96 -8.68 1.78
C VAL A 16 -13.16 -9.34 0.67
N LEU A 17 -11.99 -9.88 0.99
CA LEU A 17 -11.16 -10.54 -0.02
C LEU A 17 -11.91 -11.74 -0.59
N GLN A 18 -12.45 -12.59 0.29
CA GLN A 18 -13.20 -13.77 -0.12
C GLN A 18 -14.34 -13.34 -1.06
N LYS A 19 -15.05 -12.29 -0.68
CA LYS A 19 -16.14 -11.86 -1.54
C LYS A 19 -15.61 -11.41 -2.89
N PHE A 20 -14.53 -10.63 -2.87
CA PHE A 20 -13.95 -10.13 -4.11
C PHE A 20 -13.57 -11.25 -5.08
N LEU A 21 -12.93 -12.29 -4.58
CA LEU A 21 -12.47 -13.37 -5.44
C LEU A 21 -13.55 -14.38 -5.83
N SER A 22 -14.69 -14.33 -5.15
CA SER A 22 -15.79 -15.23 -5.44
C SER A 22 -16.61 -14.84 -6.65
N ASP A 23 -16.41 -13.63 -7.17
CA ASP A 23 -17.15 -13.17 -8.34
C ASP A 23 -16.21 -13.28 -9.54
N ASP A 24 -16.54 -14.14 -10.50
CA ASP A 24 -15.67 -14.30 -11.67
C ASP A 24 -15.51 -13.01 -12.45
N HIS A 25 -16.48 -12.12 -12.36
CA HIS A 25 -16.40 -10.86 -13.08
C HIS A 25 -15.18 -10.07 -12.60
N ASN A 26 -14.97 -10.05 -11.29
CA ASN A 26 -13.83 -9.35 -10.72
C ASN A 26 -12.55 -9.90 -11.33
N ILE A 27 -12.43 -11.23 -11.35
CA ILE A 27 -11.25 -11.87 -11.92
C ILE A 27 -11.09 -11.55 -13.41
N ALA A 28 -12.19 -11.53 -14.15
CA ALA A 28 -12.12 -11.22 -15.58
C ALA A 28 -11.69 -9.78 -15.80
N GLN A 29 -12.14 -8.89 -14.90
CA GLN A 29 -11.79 -7.49 -14.98
C GLN A 29 -10.29 -7.32 -14.77
N ILE A 30 -9.72 -8.08 -13.82
CA ILE A 30 -8.29 -8.02 -13.57
C ILE A 30 -7.53 -8.39 -14.86
N GLU A 31 -8.02 -9.41 -15.56
CA GLU A 31 -7.40 -9.87 -16.80
C GLU A 31 -7.56 -8.86 -17.94
N ALA A 32 -8.71 -8.20 -17.99
CA ALA A 32 -8.98 -7.22 -19.03
C ALA A 32 -8.12 -5.98 -18.81
N ALA A 33 -7.72 -5.75 -17.57
CA ALA A 33 -6.90 -4.60 -17.23
C ALA A 33 -5.44 -4.81 -17.65
N ALA A 34 -4.89 -5.97 -17.28
CA ALA A 34 -3.51 -6.29 -17.62
C ALA A 34 -3.36 -6.41 -19.14
N LYS A 35 -4.43 -6.86 -19.80
CA LYS A 35 -4.46 -7.02 -21.24
C LYS A 35 -4.34 -5.64 -21.90
N LEU A 36 -5.14 -4.70 -21.42
CA LEU A 36 -5.14 -3.33 -21.93
C LEU A 36 -3.75 -2.70 -21.89
N ILE A 37 -3.11 -2.78 -20.72
CA ILE A 37 -1.80 -2.20 -20.53
C ILE A 37 -0.74 -2.89 -21.36
N ALA A 38 -0.81 -4.23 -21.41
CA ALA A 38 0.16 -5.01 -22.18
C ALA A 38 0.07 -4.63 -23.65
N ASP A 39 -1.16 -4.47 -24.15
CA ASP A 39 -1.33 -4.09 -25.53
C ASP A 39 -0.65 -2.74 -25.73
N SER A 40 -0.93 -1.81 -24.81
CA SER A 40 -0.36 -0.48 -24.87
C SER A 40 1.17 -0.57 -24.93
N PHE A 41 1.73 -1.39 -24.05
CA PHE A 41 3.17 -1.56 -24.02
C PHE A 41 3.69 -2.00 -25.38
N LYS A 42 2.98 -2.94 -26.02
CA LYS A 42 3.42 -3.45 -27.30
C LYS A 42 3.31 -2.50 -28.48
N GLN A 43 2.87 -1.27 -28.22
CA GLN A 43 2.76 -0.26 -29.25
C GLN A 43 3.44 1.02 -28.74
N GLY A 44 4.42 0.82 -27.85
CA GLY A 44 5.18 1.91 -27.27
C GLY A 44 4.47 2.77 -26.24
N GLY A 45 3.33 2.29 -25.75
CA GLY A 45 2.58 3.07 -24.78
C GLY A 45 3.13 3.04 -23.36
N LYS A 46 2.50 3.84 -22.50
CA LYS A 46 2.88 3.94 -21.11
C LYS A 46 1.63 4.07 -20.26
N VAL A 47 1.78 3.80 -18.97
CA VAL A 47 0.67 3.90 -18.02
C VAL A 47 0.86 5.10 -17.08
N LEU A 48 -0.18 5.90 -16.94
CA LEU A 48 -0.16 7.04 -16.04
C LEU A 48 -1.09 6.66 -14.89
N SER A 49 -0.56 6.60 -13.67
CA SER A 49 -1.39 6.24 -12.52
C SER A 49 -1.64 7.42 -11.57
N CYS A 50 -2.72 7.33 -10.81
CA CYS A 50 -3.09 8.37 -9.86
C CYS A 50 -4.12 7.95 -8.81
N GLY A 51 -3.98 8.51 -7.61
CA GLY A 51 -4.88 8.24 -6.51
C GLY A 51 -4.73 9.37 -5.49
N ASN A 52 -5.55 9.41 -4.46
CA ASN A 52 -5.46 10.49 -3.47
C ASN A 52 -5.21 10.02 -2.04
N GLY A 53 -3.95 10.01 -1.61
CA GLY A 53 -3.63 9.58 -0.25
C GLY A 53 -4.04 8.14 -0.05
N GLY A 54 -3.13 7.32 0.45
CA GLY A 54 -3.45 5.93 0.66
C GLY A 54 -3.50 5.27 -0.71
N SER A 55 -4.09 5.98 -1.66
CA SER A 55 -4.18 5.51 -3.02
C SER A 55 -3.07 6.18 -3.82
N HIS A 56 -2.43 7.17 -3.21
CA HIS A 56 -1.32 7.84 -3.87
C HIS A 56 -0.15 6.86 -3.95
N CYS A 57 0.02 6.09 -2.87
CA CYS A 57 1.10 5.11 -2.79
C CYS A 57 0.88 3.96 -3.74
N ASP A 58 -0.36 3.51 -3.85
CA ASP A 58 -0.72 2.42 -4.76
C ASP A 58 -0.40 2.89 -6.17
N ALA A 59 -0.82 4.11 -6.50
CA ALA A 59 -0.53 4.67 -7.81
C ALA A 59 0.99 4.72 -8.00
N MET A 60 1.70 4.99 -6.91
CA MET A 60 3.15 5.08 -6.90
C MET A 60 3.81 3.71 -7.03
N HIS A 61 3.30 2.73 -6.30
CA HIS A 61 3.84 1.37 -6.33
C HIS A 61 3.76 0.81 -7.74
N PHE A 62 2.55 0.85 -8.30
CA PHE A 62 2.25 0.34 -9.62
C PHE A 62 3.19 0.87 -10.71
N ALA A 63 3.36 2.20 -10.74
CA ALA A 63 4.21 2.84 -11.73
C ALA A 63 5.68 2.43 -11.61
N GLU A 64 6.24 2.54 -10.41
CA GLU A 64 7.64 2.18 -10.23
C GLU A 64 7.84 0.68 -10.37
N GLU A 65 6.82 -0.08 -10.04
CA GLU A 65 6.88 -1.54 -10.15
C GLU A 65 6.86 -1.90 -11.64
N LEU A 66 6.25 -1.03 -12.45
CA LEU A 66 6.17 -1.28 -13.89
C LEU A 66 7.49 -0.93 -14.58
N THR A 67 8.07 0.21 -14.24
CA THR A 67 9.31 0.63 -14.87
C THR A 67 10.44 -0.37 -14.62
N GLY A 68 10.52 -0.88 -13.39
CA GLY A 68 11.57 -1.84 -13.08
C GLY A 68 11.54 -3.11 -13.92
N ARG A 69 10.34 -3.64 -14.14
CA ARG A 69 10.17 -4.88 -14.89
C ARG A 69 10.13 -4.79 -16.42
N TYR A 70 9.89 -3.58 -16.94
CA TYR A 70 9.81 -3.40 -18.39
C TYR A 70 10.63 -2.23 -18.94
N ARG A 71 11.72 -1.90 -18.24
CA ARG A 71 12.61 -0.82 -18.66
C ARG A 71 13.56 -1.38 -19.71
N GLU A 72 13.93 -2.64 -19.54
CA GLU A 72 14.86 -3.33 -20.44
C GLU A 72 14.49 -3.23 -21.92
N ASN A 73 15.36 -2.57 -22.68
CA ASN A 73 15.18 -2.39 -24.12
C ASN A 73 13.87 -1.73 -24.54
N ARG A 74 13.38 -0.83 -23.71
CA ARG A 74 12.16 -0.08 -23.97
C ARG A 74 12.47 1.39 -23.73
N PRO A 75 12.27 2.23 -24.74
CA PRO A 75 12.54 3.65 -24.54
C PRO A 75 11.52 4.26 -23.56
N GLY A 76 11.91 5.36 -22.91
CA GLY A 76 11.01 6.02 -21.97
C GLY A 76 10.74 5.23 -20.69
N TYR A 77 9.59 5.49 -20.09
CA TYR A 77 9.19 4.83 -18.86
C TYR A 77 7.85 4.11 -19.04
N PRO A 78 7.81 2.82 -18.72
CA PRO A 78 6.55 2.07 -18.86
C PRO A 78 5.45 2.64 -17.96
N GLY A 79 5.82 3.10 -16.77
CA GLY A 79 4.84 3.65 -15.84
C GLY A 79 5.23 4.93 -15.13
N ILE A 80 4.30 5.88 -15.06
CA ILE A 80 4.55 7.13 -14.37
C ILE A 80 3.39 7.50 -13.44
N ALA A 81 3.72 7.82 -12.20
CA ALA A 81 2.70 8.22 -11.22
C ALA A 81 2.66 9.75 -11.23
N ILE A 82 1.53 10.32 -10.82
CA ILE A 82 1.40 11.77 -10.82
C ILE A 82 1.57 12.42 -9.45
N ASP A 98 -8.10 20.13 -8.35
CA ASP A 98 -9.17 19.33 -8.94
C ASP A 98 -8.87 19.05 -10.41
N TYR A 99 -7.85 19.74 -10.93
CA TYR A 99 -7.42 19.59 -12.31
C TYR A 99 -5.93 19.24 -12.37
N VAL A 100 -5.37 18.83 -11.24
CA VAL A 100 -3.96 18.47 -11.21
C VAL A 100 -3.72 17.24 -12.07
N PHE A 101 -4.48 16.17 -11.84
CA PHE A 101 -4.28 14.94 -12.62
C PHE A 101 -4.67 15.12 -14.09
N SER A 102 -5.75 15.85 -14.35
CA SER A 102 -6.20 16.07 -15.73
C SER A 102 -5.18 16.90 -16.52
N ARG A 103 -4.60 17.91 -15.88
CA ARG A 103 -3.59 18.75 -16.54
C ARG A 103 -2.36 17.94 -16.91
N TYR A 104 -2.05 16.92 -16.10
CA TYR A 104 -0.89 16.09 -16.38
C TYR A 104 -1.15 15.18 -17.58
N VAL A 105 -2.36 14.63 -17.64
CA VAL A 105 -2.72 13.75 -18.75
C VAL A 105 -2.60 14.54 -20.05
N GLU A 106 -3.09 15.77 -20.05
CA GLU A 106 -3.05 16.60 -21.24
C GLU A 106 -1.62 16.91 -21.70
N ALA A 107 -0.72 17.09 -20.74
CA ALA A 107 0.67 17.42 -21.05
C ALA A 107 1.59 16.27 -21.48
N VAL A 108 1.59 15.17 -20.74
CA VAL A 108 2.47 14.06 -21.07
C VAL A 108 1.79 12.82 -21.66
N GLY A 109 0.46 12.79 -21.61
CA GLY A 109 -0.27 11.63 -22.13
C GLY A 109 -0.35 11.62 -23.64
N ALA A 110 -0.45 10.42 -24.23
CA ALA A 110 -0.55 10.30 -25.69
C ALA A 110 -1.46 9.14 -26.10
N LYS A 111 -1.99 9.22 -27.32
CA LYS A 111 -2.87 8.19 -27.87
C LYS A 111 -2.28 6.80 -27.58
N GLY A 112 -3.14 5.86 -27.19
CA GLY A 112 -2.67 4.52 -26.90
C GLY A 112 -2.15 4.33 -25.48
N ASP A 113 -1.99 5.42 -24.75
CA ASP A 113 -1.51 5.35 -23.38
C ASP A 113 -2.66 4.85 -22.52
N VAL A 114 -2.37 4.51 -21.27
CA VAL A 114 -3.42 4.04 -20.37
C VAL A 114 -3.42 4.81 -19.05
N LEU A 115 -4.61 5.23 -18.62
CA LEU A 115 -4.77 5.95 -17.37
C LEU A 115 -5.21 4.91 -16.34
N PHE A 116 -4.47 4.79 -15.24
CA PHE A 116 -4.80 3.83 -14.19
C PHE A 116 -5.21 4.65 -12.98
N GLY A 117 -6.50 4.65 -12.65
CA GLY A 117 -6.99 5.42 -11.52
C GLY A 117 -7.60 4.64 -10.37
N LEU A 118 -7.29 5.08 -9.15
CA LEU A 118 -7.76 4.45 -7.93
C LEU A 118 -8.57 5.42 -7.06
N SER A 119 -9.76 5.00 -6.68
CA SER A 119 -10.63 5.82 -5.84
C SER A 119 -11.56 4.90 -5.05
N THR A 120 -11.32 4.75 -3.75
CA THR A 120 -12.17 3.86 -2.95
C THR A 120 -13.67 4.10 -3.14
N SER A 121 -14.05 5.35 -3.35
CA SER A 121 -15.48 5.66 -3.51
C SER A 121 -15.90 5.70 -4.97
N GLY A 122 -14.96 6.03 -5.86
CA GLY A 122 -15.28 6.10 -7.27
C GLY A 122 -15.79 7.48 -7.67
N ASN A 123 -15.80 8.40 -6.71
CA ASN A 123 -16.26 9.76 -6.92
C ASN A 123 -15.19 10.84 -6.77
N SER A 124 -13.92 10.48 -6.89
CA SER A 124 -12.85 11.47 -6.76
C SER A 124 -12.81 12.39 -7.97
N GLY A 125 -13.16 13.66 -7.75
CA GLY A 125 -13.18 14.65 -8.80
C GLY A 125 -11.94 14.74 -9.69
N ASN A 126 -10.75 14.84 -9.10
CA ASN A 126 -9.54 14.94 -9.90
C ASN A 126 -9.30 13.72 -10.80
N ILE A 127 -9.68 12.54 -10.32
CA ILE A 127 -9.50 11.35 -11.13
C ILE A 127 -10.57 11.31 -12.22
N LEU A 128 -11.75 11.86 -11.90
CA LEU A 128 -12.83 11.94 -12.89
C LEU A 128 -12.35 12.87 -14.02
N LYS A 129 -11.76 14.00 -13.65
CA LYS A 129 -11.25 14.91 -14.66
C LYS A 129 -10.19 14.15 -15.45
N ALA A 130 -9.27 13.52 -14.73
CA ALA A 130 -8.19 12.77 -15.39
C ALA A 130 -8.74 11.79 -16.44
N ILE A 131 -9.85 11.13 -16.11
CA ILE A 131 -10.46 10.18 -17.02
C ILE A 131 -10.96 10.89 -18.28
N GLU A 132 -11.62 12.03 -18.10
CA GLU A 132 -12.15 12.77 -19.24
C GLU A 132 -11.05 13.19 -20.20
N ALA A 133 -9.96 13.74 -19.65
CA ALA A 133 -8.83 14.16 -20.47
C ALA A 133 -8.26 12.94 -21.19
N ALA A 134 -8.20 11.82 -20.49
CA ALA A 134 -7.70 10.58 -21.07
C ALA A 134 -8.48 10.24 -22.32
N LYS A 135 -9.80 10.25 -22.20
CA LYS A 135 -10.65 9.96 -23.36
C LYS A 135 -10.30 10.94 -24.46
N ALA A 136 -10.34 12.23 -24.16
CA ALA A 136 -10.04 13.26 -25.14
C ALA A 136 -8.69 13.05 -25.81
N LYS A 137 -7.80 12.33 -25.15
CA LYS A 137 -6.47 12.06 -25.69
C LYS A 137 -6.45 10.77 -26.50
N GLY A 138 -7.50 9.98 -26.42
CA GLY A 138 -7.51 8.74 -27.15
C GLY A 138 -6.79 7.72 -26.31
N MET A 139 -6.93 7.87 -24.98
CA MET A 139 -6.30 6.96 -24.03
C MET A 139 -7.35 6.03 -23.40
N LYS A 140 -6.98 4.77 -23.21
CA LYS A 140 -7.86 3.80 -22.58
C LYS A 140 -7.78 4.11 -21.08
N THR A 141 -8.80 3.73 -20.33
CA THR A 141 -8.82 4.00 -18.89
C THR A 141 -9.22 2.81 -18.01
N ILE A 142 -8.52 2.65 -16.90
CA ILE A 142 -8.79 1.57 -15.93
C ILE A 142 -9.02 2.24 -14.57
N ALA A 143 -10.03 1.78 -13.84
CA ALA A 143 -10.32 2.35 -12.53
C ALA A 143 -10.59 1.30 -11.45
N LEU A 144 -9.83 1.35 -10.37
CA LEU A 144 -10.01 0.43 -9.25
C LEU A 144 -10.84 1.21 -8.24
N THR A 145 -12.07 0.75 -8.01
CA THR A 145 -12.98 1.44 -7.14
C THR A 145 -13.52 0.59 -5.99
N GLY A 146 -14.51 1.12 -5.29
CA GLY A 146 -15.13 0.40 -4.20
C GLY A 146 -16.56 0.89 -4.03
N LYS A 147 -17.22 0.42 -2.97
CA LYS A 147 -18.58 0.84 -2.70
C LYS A 147 -19.51 0.48 -3.85
N ASP A 148 -20.19 1.48 -4.41
CA ASP A 148 -21.11 1.26 -5.53
C ASP A 148 -20.48 1.56 -6.87
N GLY A 149 -19.19 1.91 -6.87
CA GLY A 149 -18.54 2.22 -8.12
C GLY A 149 -18.52 3.72 -8.36
N GLY A 150 -19.30 4.45 -7.57
CA GLY A 150 -19.37 5.89 -7.71
C GLY A 150 -19.62 6.32 -9.15
N LYS A 151 -19.20 7.53 -9.49
CA LYS A 151 -19.38 8.04 -10.85
C LYS A 151 -18.41 7.40 -11.82
N MET A 152 -17.36 6.79 -11.28
CA MET A 152 -16.34 6.15 -12.11
C MET A 152 -16.86 4.92 -12.85
N ALA A 153 -17.95 4.35 -12.36
CA ALA A 153 -18.55 3.17 -12.98
C ALA A 153 -19.23 3.66 -14.25
N GLY A 154 -19.00 2.96 -15.35
CA GLY A 154 -19.59 3.37 -16.61
C GLY A 154 -18.72 4.38 -17.33
N LEU A 155 -17.64 4.81 -16.70
CA LEU A 155 -16.73 5.77 -17.32
C LEU A 155 -15.41 5.12 -17.75
N ALA A 156 -14.84 4.28 -16.89
CA ALA A 156 -13.59 3.61 -17.23
C ALA A 156 -13.85 2.53 -18.24
N ASP A 157 -12.84 2.21 -19.05
CA ASP A 157 -13.00 1.17 -20.06
C ASP A 157 -13.09 -0.18 -19.38
N VAL A 158 -12.49 -0.26 -18.20
CA VAL A 158 -12.47 -1.43 -17.37
C VAL A 158 -12.53 -0.98 -15.91
N GLU A 159 -13.52 -1.44 -15.16
CA GLU A 159 -13.62 -1.08 -13.75
C GLU A 159 -13.39 -2.31 -12.88
N ILE A 160 -12.63 -2.14 -11.81
CA ILE A 160 -12.37 -3.23 -10.88
C ILE A 160 -12.85 -2.70 -9.53
N ARG A 161 -14.04 -3.16 -9.15
CA ARG A 161 -14.68 -2.70 -7.92
C ARG A 161 -14.63 -3.69 -6.78
N VAL A 162 -14.15 -3.23 -5.63
CA VAL A 162 -14.06 -4.04 -4.44
C VAL A 162 -15.47 -4.04 -3.86
N PRO A 163 -16.06 -5.24 -3.65
CA PRO A 163 -17.41 -5.35 -3.11
C PRO A 163 -17.52 -5.04 -1.61
N HIS A 164 -17.41 -3.75 -1.27
CA HIS A 164 -17.51 -3.36 0.13
C HIS A 164 -17.89 -1.90 0.28
N PHE A 165 -18.95 -1.68 1.04
CA PHE A 165 -19.46 -0.34 1.31
C PHE A 165 -19.07 0.03 2.72
N GLY A 166 -18.01 0.78 2.87
CA GLY A 166 -17.54 1.19 4.18
C GLY A 166 -16.32 2.07 4.03
N TYR A 167 -15.51 2.19 5.09
CA TYR A 167 -14.33 3.04 5.03
C TYR A 167 -13.33 2.57 3.96
N ALA A 168 -12.29 3.37 3.72
CA ALA A 168 -11.30 3.05 2.69
C ALA A 168 -10.41 1.83 2.94
N ASP A 169 -9.95 1.66 4.18
CA ASP A 169 -9.06 0.57 4.54
C ASP A 169 -9.25 -0.78 3.84
N ARG A 170 -10.45 -1.34 3.92
CA ARG A 170 -10.70 -2.63 3.29
C ARG A 170 -10.57 -2.64 1.80
N ILE A 171 -10.93 -1.50 1.18
CA ILE A 171 -10.87 -1.40 -0.26
C ILE A 171 -9.43 -1.20 -0.74
N GLN A 172 -8.74 -0.24 -0.15
CA GLN A 172 -7.34 0.06 -0.46
C GLN A 172 -6.53 -1.24 -0.38
N GLU A 173 -6.82 -2.02 0.65
CA GLU A 173 -6.17 -3.29 0.91
C GLU A 173 -6.34 -4.30 -0.23
N VAL A 174 -7.45 -4.21 -0.94
CA VAL A 174 -7.69 -5.13 -2.05
C VAL A 174 -7.12 -4.49 -3.32
N HIS A 175 -7.17 -3.16 -3.41
CA HIS A 175 -6.62 -2.45 -4.57
C HIS A 175 -5.15 -2.82 -4.76
N ILE A 176 -4.39 -2.80 -3.66
CA ILE A 176 -2.98 -3.13 -3.69
C ILE A 176 -2.78 -4.58 -4.12
N LYS A 177 -3.69 -5.48 -3.72
CA LYS A 177 -3.59 -6.88 -4.11
C LYS A 177 -3.79 -6.99 -5.61
N ILE A 178 -4.74 -6.21 -6.12
CA ILE A 178 -5.05 -6.19 -7.55
C ILE A 178 -3.84 -5.73 -8.36
N ILE A 179 -3.18 -4.68 -7.87
CA ILE A 179 -2.00 -4.12 -8.52
C ILE A 179 -0.87 -5.14 -8.66
N HIS A 180 -0.61 -5.88 -7.59
CA HIS A 180 0.44 -6.89 -7.60
C HIS A 180 0.15 -7.93 -8.65
N ILE A 181 -1.08 -8.40 -8.64
CA ILE A 181 -1.55 -9.41 -9.59
C ILE A 181 -1.48 -8.86 -11.02
N ILE A 182 -1.92 -7.63 -11.22
CA ILE A 182 -1.89 -7.04 -12.55
C ILE A 182 -0.48 -6.97 -13.11
N ILE A 183 0.49 -6.63 -12.26
CA ILE A 183 1.90 -6.53 -12.66
C ILE A 183 2.44 -7.87 -13.13
N GLN A 184 2.10 -8.93 -12.41
CA GLN A 184 2.55 -10.26 -12.80
C GLN A 184 1.82 -10.74 -14.04
N LEU A 185 0.60 -10.27 -14.23
CA LEU A 185 -0.19 -10.68 -15.37
C LEU A 185 0.31 -10.01 -16.64
N ILE A 186 0.98 -8.87 -16.50
CA ILE A 186 1.50 -8.18 -17.66
C ILE A 186 2.67 -8.99 -18.22
N GLU A 187 3.45 -9.57 -17.32
CA GLU A 187 4.60 -10.40 -17.71
C GLU A 187 4.10 -11.52 -18.59
N LYS A 188 3.07 -12.22 -18.14
CA LYS A 188 2.53 -13.32 -18.90
C LYS A 188 1.64 -12.84 -20.03
N GLU A 189 0.84 -11.79 -19.77
CA GLU A 189 -0.07 -11.27 -20.79
C GLU A 189 0.67 -10.68 -21.96
N MET A 190 1.99 -10.66 -21.85
CA MET A 190 2.82 -10.10 -22.89
C MET A 190 4.21 -10.72 -22.83
N ALA A 191 4.25 -12.02 -23.14
CA ALA A 191 5.50 -12.77 -23.14
C ALA A 191 5.40 -13.89 -24.16
N MET B 1 -7.96 -16.95 -21.05
CA MET B 1 -8.34 -16.53 -19.67
C MET B 1 -7.37 -17.10 -18.64
N TYR B 2 -7.26 -16.42 -17.51
CA TYR B 2 -6.39 -16.83 -16.42
C TYR B 2 -7.12 -16.79 -15.08
N GLN B 3 -8.41 -17.11 -15.09
CA GLN B 3 -9.23 -17.10 -13.88
C GLN B 3 -8.55 -17.78 -12.71
N ASP B 4 -8.22 -19.05 -12.88
CA ASP B 4 -7.57 -19.81 -11.80
C ASP B 4 -6.25 -19.21 -11.31
N LEU B 5 -5.38 -18.82 -12.23
CA LEU B 5 -4.11 -18.22 -11.83
C LEU B 5 -4.36 -16.95 -11.03
N ILE B 6 -5.24 -16.08 -11.54
CA ILE B 6 -5.57 -14.84 -10.85
C ILE B 6 -6.22 -15.11 -9.48
N ARG B 7 -7.15 -16.04 -9.43
CA ARG B 7 -7.79 -16.37 -8.17
C ARG B 7 -6.78 -16.97 -7.19
N SER B 8 -5.84 -17.75 -7.70
CA SER B 8 -4.83 -18.36 -6.83
C SER B 8 -4.00 -17.33 -6.05
N GLU B 9 -3.64 -16.23 -6.70
CA GLU B 9 -2.91 -15.17 -6.00
C GLU B 9 -3.82 -14.67 -4.86
N LEU B 10 -5.10 -14.49 -5.19
CA LEU B 10 -6.08 -14.01 -4.23
C LEU B 10 -6.27 -15.03 -3.09
N THR B 11 -6.38 -16.32 -3.42
CA THR B 11 -6.53 -17.31 -2.37
C THR B 11 -5.24 -17.39 -1.55
N GLU B 12 -4.07 -17.21 -2.18
CA GLU B 12 -2.82 -17.24 -1.41
C GLU B 12 -2.82 -16.11 -0.37
N ALA B 13 -3.29 -14.91 -0.78
CA ALA B 13 -3.37 -13.77 0.12
C ALA B 13 -4.29 -14.15 1.29
N ALA B 14 -5.34 -14.91 0.98
CA ALA B 14 -6.29 -15.35 1.98
C ALA B 14 -5.62 -16.30 2.96
N ASP B 15 -4.82 -17.22 2.44
CA ASP B 15 -4.13 -18.17 3.28
C ASP B 15 -3.16 -17.44 4.22
N VAL B 16 -2.37 -16.54 3.64
CA VAL B 16 -1.40 -15.78 4.41
C VAL B 16 -2.09 -15.01 5.52
N LEU B 17 -3.17 -14.31 5.18
CA LEU B 17 -3.92 -13.52 6.14
C LEU B 17 -4.47 -14.37 7.28
N GLN B 18 -4.93 -15.58 6.94
CA GLN B 18 -5.48 -16.52 7.93
C GLN B 18 -4.44 -16.92 8.96
N LYS B 19 -3.29 -17.37 8.47
CA LYS B 19 -2.21 -17.80 9.33
C LYS B 19 -1.78 -16.65 10.24
N PHE B 20 -1.90 -15.43 9.74
CA PHE B 20 -1.51 -14.29 10.51
C PHE B 20 -2.44 -13.99 11.68
N LEU B 21 -3.75 -13.93 11.43
CA LEU B 21 -4.73 -13.62 12.48
C LEU B 21 -5.06 -14.76 13.44
N SER B 22 -4.81 -15.99 13.01
CA SER B 22 -5.09 -17.13 13.85
C SER B 22 -4.08 -17.20 14.99
N ASP B 23 -2.89 -16.64 14.77
CA ASP B 23 -1.86 -16.64 15.81
C ASP B 23 -2.06 -15.45 16.74
N ASP B 24 -2.31 -15.73 18.02
CA ASP B 24 -2.55 -14.68 19.02
C ASP B 24 -1.34 -13.79 19.23
N HIS B 25 -0.14 -14.32 18.99
CA HIS B 25 1.06 -13.54 19.19
C HIS B 25 1.03 -12.27 18.34
N ASN B 26 0.81 -12.41 17.04
CA ASN B 26 0.79 -11.27 16.13
C ASN B 26 -0.25 -10.24 16.58
N ILE B 27 -1.39 -10.73 17.05
CA ILE B 27 -2.47 -9.87 17.50
C ILE B 27 -2.01 -9.05 18.68
N ALA B 28 -1.17 -9.67 19.51
CA ALA B 28 -0.62 -9.04 20.70
C ALA B 28 0.46 -8.03 20.27
N GLN B 29 1.31 -8.41 19.33
CA GLN B 29 2.37 -7.52 18.84
C GLN B 29 1.71 -6.28 18.22
N ILE B 30 0.62 -6.50 17.49
CA ILE B 30 -0.09 -5.37 16.88
C ILE B 30 -0.53 -4.40 17.96
N GLU B 31 -0.96 -4.93 19.11
CA GLU B 31 -1.41 -4.11 20.21
C GLU B 31 -0.23 -3.40 20.90
N ALA B 32 0.88 -4.11 21.09
CA ALA B 32 2.03 -3.52 21.73
C ALA B 32 2.57 -2.33 20.95
N ALA B 33 2.73 -2.49 19.64
CA ALA B 33 3.22 -1.41 18.80
C ALA B 33 2.35 -0.15 18.90
N ALA B 34 1.04 -0.34 18.95
CA ALA B 34 0.13 0.80 19.03
C ALA B 34 0.18 1.44 20.41
N LYS B 35 0.51 0.64 21.42
CA LYS B 35 0.62 1.13 22.78
C LYS B 35 1.90 1.97 22.89
N LEU B 36 2.94 1.58 22.15
CA LEU B 36 4.19 2.33 22.18
C LEU B 36 4.01 3.75 21.65
N ILE B 37 3.54 3.84 20.41
CA ILE B 37 3.32 5.14 19.75
C ILE B 37 2.40 6.04 20.57
N ALA B 38 1.38 5.45 21.18
CA ALA B 38 0.46 6.23 21.98
C ALA B 38 1.22 6.87 23.14
N ASP B 39 1.91 6.04 23.92
CA ASP B 39 2.67 6.55 25.05
C ASP B 39 3.64 7.65 24.59
N SER B 40 4.39 7.38 23.53
CA SER B 40 5.34 8.36 23.02
C SER B 40 4.60 9.66 22.70
N PHE B 41 3.48 9.56 22.02
CA PHE B 41 2.71 10.77 21.69
C PHE B 41 2.28 11.49 22.96
N LYS B 42 1.80 10.74 23.93
CA LYS B 42 1.34 11.32 25.19
C LYS B 42 2.45 12.07 25.92
N GLN B 43 3.70 11.77 25.56
CA GLN B 43 4.85 12.43 26.15
C GLN B 43 5.45 13.38 25.12
N GLY B 44 4.65 13.74 24.12
CA GLY B 44 5.08 14.68 23.09
C GLY B 44 5.94 14.17 21.95
N GLY B 45 6.55 13.01 22.10
CA GLY B 45 7.42 12.44 21.08
C GLY B 45 6.80 12.23 19.71
N LYS B 46 7.62 11.79 18.76
CA LYS B 46 7.15 11.53 17.39
C LYS B 46 7.60 10.18 16.81
N VAL B 47 6.96 9.79 15.71
CA VAL B 47 7.25 8.53 15.01
C VAL B 47 8.02 8.78 13.72
N LEU B 48 9.12 8.04 13.54
CA LEU B 48 9.90 8.15 12.32
C LEU B 48 9.61 6.82 11.60
N SER B 49 9.14 6.90 10.36
CA SER B 49 8.84 5.70 9.60
C SER B 49 9.74 5.61 8.39
N CYS B 50 10.31 4.42 8.20
CA CYS B 50 11.19 4.19 7.06
C CYS B 50 10.84 2.84 6.45
N GLY B 51 10.81 2.82 5.11
CA GLY B 51 10.48 1.59 4.43
C GLY B 51 11.47 1.30 3.32
N ASN B 52 11.88 0.04 3.21
CA ASN B 52 12.83 -0.34 2.19
C ASN B 52 12.15 -0.39 0.81
N GLY B 53 12.84 0.18 -0.18
CA GLY B 53 12.34 0.24 -1.56
C GLY B 53 11.07 -0.47 -1.97
N GLY B 54 10.04 0.30 -2.29
CA GLY B 54 8.79 -0.30 -2.72
C GLY B 54 7.95 -0.63 -1.50
N SER B 55 8.48 -0.29 -0.35
CA SER B 55 7.80 -0.52 0.91
C SER B 55 7.81 0.84 1.62
N HIS B 56 8.56 1.77 1.05
CA HIS B 56 8.69 3.11 1.61
C HIS B 56 7.41 3.90 1.38
N CYS B 57 6.59 3.42 0.46
CA CYS B 57 5.33 4.09 0.16
C CYS B 57 4.45 3.95 1.39
N ASP B 58 4.41 2.73 1.94
CA ASP B 58 3.62 2.49 3.14
C ASP B 58 4.19 3.29 4.31
N ALA B 59 5.50 3.24 4.48
CA ALA B 59 6.12 3.98 5.56
C ALA B 59 5.73 5.44 5.41
N MET B 60 5.69 5.93 4.18
CA MET B 60 5.36 7.31 3.92
C MET B 60 3.91 7.71 4.17
N HIS B 61 2.96 6.82 3.91
CA HIS B 61 1.58 7.20 4.15
C HIS B 61 1.28 7.15 5.65
N PHE B 62 1.76 6.11 6.33
CA PHE B 62 1.54 5.96 7.77
C PHE B 62 1.91 7.23 8.52
N ALA B 63 3.01 7.86 8.11
CA ALA B 63 3.44 9.08 8.76
C ALA B 63 2.40 10.18 8.48
N GLU B 64 1.93 10.24 7.24
CA GLU B 64 0.93 11.24 6.84
C GLU B 64 -0.40 11.11 7.57
N GLU B 65 -0.87 9.86 7.73
CA GLU B 65 -2.13 9.60 8.40
C GLU B 65 -2.03 9.99 9.89
N LEU B 66 -0.86 9.79 10.47
CA LEU B 66 -0.66 10.14 11.88
C LEU B 66 -0.61 11.66 12.10
N THR B 67 0.02 12.37 11.17
CA THR B 67 0.13 13.83 11.28
C THR B 67 -1.22 14.50 10.98
N GLY B 68 -2.00 13.89 10.09
CA GLY B 68 -3.28 14.45 9.75
C GLY B 68 -4.39 14.10 10.72
N ARG B 69 -4.04 13.35 11.77
CA ARG B 69 -5.01 12.93 12.78
C ARG B 69 -4.65 13.36 14.20
N TYR B 70 -3.47 13.96 14.39
CA TYR B 70 -3.06 14.37 15.72
C TYR B 70 -2.36 15.72 15.81
N ARG B 71 -2.12 16.35 14.66
CA ARG B 71 -1.46 17.64 14.62
C ARG B 71 -2.30 18.63 15.43
N GLU B 72 -3.61 18.41 15.41
CA GLU B 72 -4.58 19.24 16.12
C GLU B 72 -4.13 19.45 17.57
N ASN B 73 -3.73 20.68 17.89
CA ASN B 73 -3.26 21.00 19.23
C ASN B 73 -2.17 20.04 19.65
N ARG B 74 -0.96 20.31 19.17
CA ARG B 74 0.22 19.50 19.45
C ARG B 74 1.33 20.10 18.58
N PRO B 75 2.46 20.46 19.20
CA PRO B 75 3.57 21.03 18.42
C PRO B 75 4.28 20.00 17.55
N GLY B 76 4.78 20.46 16.40
CA GLY B 76 5.51 19.59 15.49
C GLY B 76 4.68 18.66 14.62
N TYR B 77 5.29 17.52 14.30
CA TYR B 77 4.67 16.50 13.48
C TYR B 77 4.80 15.15 14.18
N PRO B 78 3.67 14.50 14.45
CA PRO B 78 3.71 13.19 15.13
C PRO B 78 4.41 12.12 14.29
N GLY B 79 4.21 12.15 12.97
CA GLY B 79 4.85 11.17 12.11
C GLY B 79 5.60 11.77 10.93
N ILE B 80 6.86 11.38 10.78
CA ILE B 80 7.69 11.85 9.68
C ILE B 80 8.18 10.61 8.94
N ALA B 81 8.34 10.71 7.62
CA ALA B 81 8.78 9.57 6.83
C ALA B 81 10.12 9.81 6.12
N ILE B 82 10.76 8.72 5.70
CA ILE B 82 12.05 8.77 5.00
C ILE B 82 12.37 7.41 4.36
N ASP B 98 22.88 2.64 2.56
CA ASP B 98 22.87 1.69 3.67
C ASP B 98 22.81 2.41 5.02
N TYR B 99 23.17 3.69 5.02
CA TYR B 99 23.15 4.51 6.22
C TYR B 99 22.18 5.67 6.03
N VAL B 100 21.46 5.64 4.92
CA VAL B 100 20.50 6.69 4.59
C VAL B 100 19.43 6.88 5.67
N PHE B 101 18.91 5.79 6.22
CA PHE B 101 17.90 5.95 7.24
C PHE B 101 18.53 6.18 8.61
N SER B 102 19.66 5.53 8.87
CA SER B 102 20.33 5.70 10.16
C SER B 102 20.84 7.13 10.35
N ARG B 103 21.13 7.83 9.25
CA ARG B 103 21.60 9.20 9.35
C ARG B 103 20.44 10.13 9.71
N TYR B 104 19.23 9.74 9.34
CA TYR B 104 18.04 10.55 9.64
C TYR B 104 17.60 10.37 11.09
N VAL B 105 17.88 9.22 11.66
CA VAL B 105 17.54 8.96 13.05
C VAL B 105 18.38 9.89 13.93
N GLU B 106 19.70 9.78 13.78
CA GLU B 106 20.65 10.59 14.54
C GLU B 106 20.34 12.08 14.38
N ALA B 107 20.08 12.46 13.13
CA ALA B 107 19.79 13.84 12.79
C ALA B 107 18.49 14.40 13.38
N VAL B 108 17.37 13.69 13.24
CA VAL B 108 16.11 14.22 13.76
C VAL B 108 15.49 13.50 14.97
N GLY B 109 16.02 12.34 15.35
CA GLY B 109 15.43 11.62 16.48
C GLY B 109 15.84 12.10 17.86
N ALA B 110 14.92 11.93 18.82
CA ALA B 110 15.15 12.32 20.21
C ALA B 110 14.62 11.21 21.12
N LYS B 111 14.97 11.24 22.41
CA LYS B 111 14.49 10.24 23.35
C LYS B 111 12.95 10.19 23.42
N GLY B 112 12.41 8.98 23.46
CA GLY B 112 10.97 8.86 23.53
C GLY B 112 10.28 8.73 22.20
N ASP B 113 11.00 9.00 21.12
CA ASP B 113 10.46 8.90 19.78
C ASP B 113 10.43 7.43 19.40
N VAL B 114 9.71 7.10 18.33
CA VAL B 114 9.63 5.71 17.89
C VAL B 114 10.07 5.55 16.44
N LEU B 115 10.73 4.44 16.15
CA LEU B 115 11.15 4.11 14.81
C LEU B 115 10.15 3.05 14.36
N PHE B 116 9.64 3.21 13.14
CA PHE B 116 8.67 2.27 12.60
C PHE B 116 9.23 1.86 11.25
N GLY B 117 9.84 0.68 11.18
CA GLY B 117 10.43 0.23 9.93
C GLY B 117 9.78 -1.00 9.33
N LEU B 118 9.64 -1.00 8.01
CA LEU B 118 9.05 -2.12 7.28
C LEU B 118 10.09 -2.80 6.40
N SER B 119 10.16 -4.13 6.49
CA SER B 119 11.08 -4.94 5.72
C SER B 119 10.43 -6.34 5.53
N THR B 120 10.01 -6.64 4.30
CA THR B 120 9.36 -7.91 4.00
C THR B 120 10.21 -9.11 4.43
N SER B 121 11.52 -8.96 4.27
CA SER B 121 12.47 -9.98 4.71
C SER B 121 12.95 -9.28 5.97
N GLY B 122 13.78 -9.91 6.78
CA GLY B 122 14.24 -9.17 7.94
C GLY B 122 15.65 -8.68 7.70
N ASN B 123 16.06 -8.71 6.44
CA ASN B 123 17.43 -8.35 6.07
C ASN B 123 17.75 -7.01 5.40
N SER B 124 16.95 -5.98 5.60
CA SER B 124 17.28 -4.72 4.95
C SER B 124 18.31 -3.96 5.76
N GLY B 125 19.53 -3.88 5.23
CA GLY B 125 20.61 -3.17 5.90
C GLY B 125 20.28 -1.76 6.34
N ASN B 126 19.78 -0.92 5.44
CA ASN B 126 19.46 0.44 5.86
C ASN B 126 18.50 0.50 7.05
N ILE B 127 17.57 -0.45 7.14
CA ILE B 127 16.65 -0.46 8.27
C ILE B 127 17.29 -1.05 9.53
N LEU B 128 18.21 -2.00 9.34
CA LEU B 128 18.91 -2.60 10.48
C LEU B 128 19.69 -1.51 11.22
N LYS B 129 20.45 -0.71 10.48
CA LYS B 129 21.23 0.37 11.07
C LYS B 129 20.29 1.41 11.69
N ALA B 130 19.16 1.63 11.04
CA ALA B 130 18.17 2.57 11.54
C ALA B 130 17.80 2.13 12.95
N ILE B 131 17.57 0.84 13.12
CA ILE B 131 17.21 0.30 14.42
C ILE B 131 18.33 0.51 15.44
N GLU B 132 19.57 0.29 15.03
CA GLU B 132 20.69 0.48 15.95
C GLU B 132 20.78 1.94 16.42
N ALA B 133 20.62 2.87 15.49
CA ALA B 133 20.66 4.29 15.82
C ALA B 133 19.57 4.68 16.80
N ALA B 134 18.37 4.11 16.64
CA ALA B 134 17.26 4.42 17.52
C ALA B 134 17.62 4.00 18.94
N LYS B 135 18.17 2.80 19.06
CA LYS B 135 18.57 2.28 20.36
C LYS B 135 19.58 3.26 20.97
N ALA B 136 20.49 3.77 20.14
CA ALA B 136 21.50 4.70 20.59
C ALA B 136 20.98 6.14 20.66
N LYS B 137 19.68 6.28 20.82
CA LYS B 137 19.07 7.60 20.88
C LYS B 137 17.92 7.58 21.88
N GLY B 138 17.73 6.45 22.54
CA GLY B 138 16.66 6.31 23.51
C GLY B 138 15.30 6.15 22.87
N MET B 139 15.29 5.66 21.64
CA MET B 139 14.06 5.45 20.87
C MET B 139 13.62 3.98 20.83
N LYS B 140 12.34 3.73 21.03
CA LYS B 140 11.82 2.37 20.98
C LYS B 140 11.73 2.02 19.50
N THR B 141 11.71 0.73 19.17
CA THR B 141 11.62 0.34 17.76
C THR B 141 10.50 -0.67 17.46
N ILE B 142 9.91 -0.52 16.28
CA ILE B 142 8.85 -1.41 15.80
C ILE B 142 9.23 -1.83 14.39
N ALA B 143 9.24 -3.13 14.13
CA ALA B 143 9.57 -3.63 12.83
C ALA B 143 8.48 -4.53 12.26
N LEU B 144 8.03 -4.22 11.05
CA LEU B 144 7.02 -5.02 10.36
C LEU B 144 7.84 -5.83 9.36
N THR B 145 7.86 -7.14 9.55
CA THR B 145 8.64 -8.02 8.71
C THR B 145 7.85 -9.17 8.08
N GLY B 146 8.58 -10.04 7.39
CA GLY B 146 7.98 -11.21 6.77
C GLY B 146 8.88 -12.40 7.02
N LYS B 147 8.63 -13.51 6.34
CA LYS B 147 9.42 -14.72 6.49
C LYS B 147 9.70 -15.08 7.94
N ASP B 148 10.98 -15.21 8.30
CA ASP B 148 11.34 -15.54 9.67
C ASP B 148 11.90 -14.33 10.42
N GLY B 149 11.57 -13.12 9.94
CA GLY B 149 12.07 -11.92 10.60
C GLY B 149 13.50 -11.57 10.19
N GLY B 150 14.13 -12.44 9.42
CA GLY B 150 15.49 -12.21 8.97
C GLY B 150 16.46 -11.78 10.05
N LYS B 151 17.47 -11.01 9.66
CA LYS B 151 18.48 -10.54 10.59
C LYS B 151 18.01 -9.57 11.68
N MET B 152 16.88 -8.89 11.46
CA MET B 152 16.40 -7.97 12.50
C MET B 152 15.42 -8.68 13.42
N ALA B 153 15.29 -9.98 13.24
CA ALA B 153 14.39 -10.77 14.08
C ALA B 153 14.83 -10.62 15.53
N GLY B 154 13.91 -10.16 16.38
CA GLY B 154 14.25 -9.98 17.77
C GLY B 154 14.96 -8.69 18.11
N LEU B 155 15.50 -8.00 17.11
CA LEU B 155 16.22 -6.75 17.34
C LEU B 155 15.36 -5.59 17.84
N ALA B 156 14.16 -5.46 17.29
CA ALA B 156 13.27 -4.37 17.67
C ALA B 156 12.47 -4.66 18.94
N ASP B 157 12.03 -3.59 19.60
CA ASP B 157 11.25 -3.73 20.82
C ASP B 157 9.95 -4.50 20.52
N VAL B 158 9.37 -4.22 19.36
CA VAL B 158 8.13 -4.88 18.96
C VAL B 158 8.20 -5.30 17.51
N GLU B 159 8.08 -6.61 17.26
CA GLU B 159 8.10 -7.10 15.90
C GLU B 159 6.81 -7.81 15.48
N ILE B 160 6.25 -7.36 14.36
CA ILE B 160 5.05 -7.94 13.81
C ILE B 160 5.55 -8.65 12.56
N ARG B 161 5.39 -9.97 12.53
CA ARG B 161 5.88 -10.78 11.43
C ARG B 161 4.80 -11.51 10.64
N VAL B 162 4.82 -11.31 9.32
CA VAL B 162 3.86 -11.95 8.42
C VAL B 162 4.36 -13.35 8.07
N PRO B 163 3.53 -14.38 8.30
CA PRO B 163 3.94 -15.75 7.99
C PRO B 163 3.90 -16.07 6.49
N HIS B 164 4.90 -15.58 5.76
CA HIS B 164 4.97 -15.84 4.32
C HIS B 164 6.43 -15.97 3.91
N PHE B 165 6.74 -17.03 3.17
CA PHE B 165 8.10 -17.25 2.72
C PHE B 165 8.29 -17.21 1.21
N GLY B 166 7.36 -16.54 0.53
CA GLY B 166 7.44 -16.42 -0.91
C GLY B 166 7.84 -14.99 -1.29
N TYR B 167 7.20 -14.40 -2.29
CA TYR B 167 7.55 -13.04 -2.69
C TYR B 167 7.03 -11.96 -1.76
N ALA B 168 7.52 -10.74 -1.94
CA ALA B 168 7.14 -9.59 -1.11
C ALA B 168 5.66 -9.20 -1.12
N ASP B 169 5.00 -9.33 -2.28
CA ASP B 169 3.61 -8.95 -2.44
C ASP B 169 2.65 -9.30 -1.30
N ARG B 170 2.49 -10.59 -1.01
CA ARG B 170 1.60 -11.02 0.06
C ARG B 170 2.00 -10.40 1.39
N ILE B 171 3.30 -10.18 1.58
CA ILE B 171 3.78 -9.58 2.82
C ILE B 171 3.49 -8.09 2.86
N GLN B 172 3.73 -7.41 1.73
CA GLN B 172 3.50 -5.97 1.66
C GLN B 172 2.02 -5.72 1.93
N GLU B 173 1.18 -6.63 1.46
CA GLU B 173 -0.26 -6.50 1.62
C GLU B 173 -0.73 -6.60 3.06
N VAL B 174 -0.10 -7.47 3.83
CA VAL B 174 -0.48 -7.61 5.23
C VAL B 174 0.12 -6.46 6.05
N HIS B 175 1.23 -5.89 5.59
CA HIS B 175 1.82 -4.76 6.31
C HIS B 175 0.82 -3.59 6.25
N ILE B 176 0.21 -3.40 5.10
CA ILE B 176 -0.76 -2.33 4.93
C ILE B 176 -1.96 -2.51 5.87
N LYS B 177 -2.39 -3.74 6.09
CA LYS B 177 -3.52 -3.96 6.99
C LYS B 177 -3.09 -3.63 8.42
N ILE B 178 -1.88 -4.05 8.79
CA ILE B 178 -1.36 -3.80 10.14
C ILE B 178 -1.32 -2.30 10.40
N ILE B 179 -0.76 -1.56 9.44
CA ILE B 179 -0.67 -0.11 9.52
C ILE B 179 -2.05 0.51 9.72
N HIS B 180 -3.03 0.07 8.93
CA HIS B 180 -4.38 0.60 9.07
C HIS B 180 -4.96 0.31 10.46
N ILE B 181 -4.79 -0.91 10.94
CA ILE B 181 -5.31 -1.26 12.25
C ILE B 181 -4.59 -0.48 13.34
N ILE B 182 -3.25 -0.44 13.28
CA ILE B 182 -2.47 0.31 14.25
C ILE B 182 -2.92 1.77 14.39
N ILE B 183 -3.17 2.43 13.25
CA ILE B 183 -3.60 3.82 13.25
C ILE B 183 -4.90 4.08 14.02
N GLN B 184 -5.89 3.20 13.88
CA GLN B 184 -7.14 3.43 14.61
C GLN B 184 -7.10 2.96 16.06
N LEU B 185 -6.05 2.24 16.44
CA LEU B 185 -5.91 1.82 17.82
C LEU B 185 -5.35 3.02 18.55
N ILE B 186 -4.41 3.69 17.89
CA ILE B 186 -3.77 4.87 18.44
C ILE B 186 -4.85 5.89 18.79
N GLU B 187 -5.88 5.99 17.96
CA GLU B 187 -6.94 6.94 18.26
C GLU B 187 -7.64 6.55 19.56
N LYS B 188 -7.88 5.26 19.73
CA LYS B 188 -8.53 4.81 20.96
C LYS B 188 -7.56 4.92 22.12
N GLU B 189 -6.28 4.73 21.84
CA GLU B 189 -5.24 4.84 22.87
C GLU B 189 -5.29 6.26 23.42
N MET B 190 -5.31 7.21 22.49
CA MET B 190 -5.35 8.63 22.83
C MET B 190 -6.68 8.93 23.52
N ALA B 191 -7.75 8.29 23.03
CA ALA B 191 -9.09 8.45 23.57
C ALA B 191 -9.44 9.91 23.86
#